data_8SIU
#
_entry.id   8SIU
#
_cell.length_a   91.023
_cell.length_b   135.431
_cell.length_c   78.567
_cell.angle_alpha   90.000
_cell.angle_beta   90.000
_cell.angle_gamma   90.000
#
_symmetry.space_group_name_H-M   'C 2 2 21'
#
loop_
_entity.id
_entity.type
_entity.pdbx_description
1 polymer 'Leucine-rich repeat and WD repeat-containing protein 1'
2 polymer 'Origin recognition complex subunit 2'
3 non-polymer 'SULFATE ION'
4 water water
#
loop_
_entity_poly.entity_id
_entity_poly.type
_entity_poly.pdbx_seq_one_letter_code
_entity_poly.pdbx_strand_id
1 'polypeptide(L)'
;SNALHLEPLHFLQCHSRNNSPKDLETQLWACAFEPAREEGHSGATSQTVATCGGEAVCVIDCQTGLVLHKYKVPGEEFFS
VAWTALTVATQAGHKKRWN(MSE)LAAAGLRG(MSE)VRLLHVRAGFCCSVIRAHKKAIATLCFSPTHETHLFTASYDKR
IILWDIGVPNHDYKFQASQLLTLNCSSVPLRLCPVATCPDSFLLAGCEGGCGCWDVRLDQPQKQRVCEVNFVFSGDSEVS
GQRVDGLAFVNEDVVASKGSGQGTIYLWSWSQTWASRGSQSVLPVVILAQLQWSPTSLAYFSLSTCPDKNLVLCGDEEGS
VWIYDVEHLLKQPPPLETTLQPPTQILKWPQPVALGQPVTKT(MSE)VNTVVANAAFTYLTALTDSNIVSIWRRC
;
A
2 'polypeptide(L)'
;SNAMSTLRLKEAKVPSVQFVGDDDVLSHILDREGGTKLKKEKVQLLVNPQKVIKKAECELEKSDLEVLEDQNYVEVLGRN
IQESLGNGSAVDGRNKVYSFQHR
;
B
#
# COMPACT_ATOMS: atom_id res chain seq x y z
N ASN A 2 17.44 18.56 -5.33
CA ASN A 2 16.57 18.24 -4.15
C ASN A 2 15.50 19.31 -3.94
N ALA A 3 14.58 19.44 -4.90
CA ALA A 3 13.57 20.49 -4.82
C ALA A 3 12.61 20.26 -3.65
N LEU A 4 12.31 19.01 -3.30
CA LEU A 4 11.43 18.74 -2.18
C LEU A 4 12.14 18.82 -0.82
N HIS A 5 13.46 18.99 -0.82
CA HIS A 5 14.20 19.16 0.43
C HIS A 5 13.99 17.97 1.36
N LEU A 6 14.27 16.78 0.83
CA LEU A 6 14.19 15.54 1.60
C LEU A 6 15.59 15.09 1.99
N GLU A 7 15.73 14.61 3.22
CA GLU A 7 17.01 14.12 3.72
C GLU A 7 16.85 12.74 4.33
N PRO A 8 17.80 11.84 4.08
CA PRO A 8 17.71 10.51 4.68
C PRO A 8 17.93 10.58 6.18
N LEU A 9 17.05 9.92 6.93
CA LEU A 9 17.11 9.97 8.38
C LEU A 9 17.47 8.65 9.01
N HIS A 10 16.87 7.56 8.56
CA HIS A 10 17.13 6.25 9.12
C HIS A 10 17.08 5.19 8.03
N PHE A 11 17.92 4.17 8.19
CA PHE A 11 17.85 2.94 7.39
C PHE A 11 17.83 1.77 8.39
N LEU A 12 16.65 1.22 8.60
CA LEU A 12 16.42 0.25 9.66
C LEU A 12 16.34 -1.16 9.11
N GLN A 13 17.10 -2.05 9.73
CA GLN A 13 17.19 -3.46 9.37
C GLN A 13 16.50 -4.21 10.50
N CYS A 14 15.17 -4.37 10.39
CA CYS A 14 14.42 -4.84 11.55
C CYS A 14 13.47 -5.99 11.24
N HIS A 15 13.53 -6.56 10.03
CA HIS A 15 12.74 -7.74 9.70
C HIS A 15 13.64 -8.94 9.41
N SER A 16 14.79 -8.99 10.06
CA SER A 16 15.79 -9.97 9.70
C SER A 16 15.34 -11.40 9.97
N ARG A 17 15.57 -12.26 9.00
N ARG A 17 15.59 -12.27 9.00
CA ARG A 17 15.45 -13.70 9.24
CA ARG A 17 15.42 -13.70 9.25
C ARG A 17 16.44 -14.12 10.33
C ARG A 17 16.43 -14.14 10.30
N ASN A 18 15.99 -15.05 11.19
CA ASN A 18 16.88 -15.61 12.23
C ASN A 18 17.55 -14.53 13.09
N ASN A 19 16.92 -13.37 13.19
CA ASN A 19 17.46 -12.30 14.01
C ASN A 19 18.90 -11.98 13.63
N SER A 20 19.20 -12.04 12.30
CA SER A 20 20.59 -11.96 11.84
C SER A 20 20.95 -10.57 11.33
N PRO A 21 22.06 -10.00 11.79
CA PRO A 21 22.54 -8.74 11.19
C PRO A 21 23.00 -8.92 9.76
N LYS A 22 23.16 -10.15 9.29
CA LYS A 22 23.60 -10.39 7.91
C LYS A 22 22.46 -10.41 6.92
N ASP A 23 21.20 -10.30 7.36
CA ASP A 23 20.07 -10.39 6.44
C ASP A 23 19.91 -9.05 5.74
N LEU A 24 20.33 -9.00 4.49
CA LEU A 24 20.16 -7.80 3.67
C LEU A 24 19.40 -8.22 2.42
N GLU A 25 18.44 -9.12 2.63
CA GLU A 25 17.75 -9.75 1.51
C GLU A 25 16.26 -9.93 1.71
N THR A 26 15.76 -9.98 2.93
CA THR A 26 14.32 -10.15 3.12
C THR A 26 13.56 -9.01 2.47
N GLN A 27 12.59 -9.38 1.63
CA GLN A 27 11.76 -8.39 0.94
C GLN A 27 10.78 -7.75 1.91
N LEU A 28 10.72 -6.43 1.91
CA LEU A 28 9.72 -5.73 2.70
C LEU A 28 8.57 -5.39 1.76
N TRP A 29 7.35 -5.60 2.21
CA TRP A 29 6.21 -5.68 1.30
C TRP A 29 5.22 -4.54 1.42
N ALA A 30 5.07 -3.95 2.60
CA ALA A 30 4.04 -2.95 2.74
C ALA A 30 4.33 -2.08 3.94
N CYS A 31 3.73 -0.89 3.93
CA CYS A 31 3.88 0.01 5.05
CA CYS A 31 3.97 0.15 4.93
C CYS A 31 2.70 0.97 5.07
N ALA A 32 2.42 1.46 6.27
CA ALA A 32 1.23 2.27 6.47
C ALA A 32 1.41 3.13 7.71
N PHE A 33 1.18 4.43 7.59
CA PHE A 33 1.28 5.33 8.72
C PHE A 33 0.07 5.18 9.63
N GLU A 34 0.32 5.25 10.93
CA GLU A 34 -0.76 5.12 11.90
C GLU A 34 -1.64 6.36 11.85
N PRO A 35 -2.95 6.21 12.02
CA PRO A 35 -3.82 7.38 12.14
C PRO A 35 -3.52 8.16 13.41
N ALA A 36 -4.16 9.33 13.51
CA ALA A 36 -4.04 10.10 14.74
C ALA A 36 -4.54 9.25 15.90
N ARG A 37 -4.06 9.57 17.08
CA ARG A 37 -4.44 8.80 18.25
C ARG A 37 -5.70 9.32 18.91
N GLU A 38 -6.24 10.45 18.43
CA GLU A 38 -7.48 11.01 18.96
C GLU A 38 -8.45 11.30 17.83
N GLU A 39 -9.73 10.98 18.06
CA GLU A 39 -10.76 11.28 17.07
C GLU A 39 -10.78 12.78 16.79
N GLY A 40 -11.04 13.14 15.53
CA GLY A 40 -11.06 14.53 15.13
C GLY A 40 -9.73 15.08 14.66
N HIS A 41 -8.63 14.38 14.90
CA HIS A 41 -7.33 14.83 14.43
C HIS A 41 -7.03 14.17 13.08
N SER A 42 -6.37 14.93 12.21
CA SER A 42 -6.15 14.47 10.85
C SER A 42 -5.15 13.34 10.79
N GLY A 43 -4.19 13.31 11.71
CA GLY A 43 -3.07 12.39 11.62
C GLY A 43 -2.11 12.69 10.49
N ALA A 44 -2.16 13.90 9.93
CA ALA A 44 -1.39 14.19 8.73
C ALA A 44 0.11 14.20 8.99
N THR A 45 0.51 14.51 10.21
CA THR A 45 1.92 14.51 10.57
C THR A 45 2.33 13.24 11.33
N SER A 46 1.54 12.17 11.20
CA SER A 46 1.88 10.92 11.85
C SER A 46 3.33 10.55 11.61
N GLN A 47 4.01 10.16 12.68
CA GLN A 47 5.39 9.74 12.55
C GLN A 47 5.58 8.30 13.00
N THR A 48 4.50 7.54 12.99
CA THR A 48 4.52 6.13 13.36
C THR A 48 4.12 5.33 12.15
N VAL A 49 4.93 4.37 11.79
CA VAL A 49 4.70 3.59 10.58
C VAL A 49 4.80 2.12 10.89
N ALA A 50 3.86 1.35 10.32
CA ALA A 50 3.90 -0.10 10.39
C ALA A 50 4.47 -0.61 9.09
N THR A 51 5.33 -1.61 9.18
CA THR A 51 6.00 -2.19 8.03
C THR A 51 5.85 -3.69 8.16
N CYS A 52 5.96 -4.41 7.05
CA CYS A 52 5.98 -5.85 7.21
C CYS A 52 6.88 -6.48 6.16
N GLY A 53 7.40 -7.65 6.50
CA GLY A 53 8.31 -8.38 5.65
C GLY A 53 8.75 -9.62 6.39
N GLY A 54 9.02 -10.70 5.67
CA GLY A 54 9.30 -11.93 6.38
C GLY A 54 8.22 -12.26 7.37
N GLU A 55 8.62 -12.72 8.54
CA GLU A 55 7.70 -13.20 9.56
C GLU A 55 7.23 -12.09 10.46
N ALA A 56 7.57 -10.85 10.16
CA ALA A 56 7.40 -9.79 11.14
C ALA A 56 6.63 -8.58 10.62
N VAL A 57 5.92 -7.98 11.55
CA VAL A 57 5.34 -6.64 11.44
C VAL A 57 6.08 -5.80 12.47
N CYS A 58 6.56 -4.65 12.05
CA CYS A 58 7.16 -3.68 12.96
C CYS A 58 6.34 -2.40 12.96
N VAL A 59 6.35 -1.71 14.11
CA VAL A 59 5.78 -0.38 14.24
C VAL A 59 6.91 0.52 14.71
N ILE A 60 7.21 1.54 13.90
CA ILE A 60 8.46 2.27 13.96
C ILE A 60 8.11 3.73 14.18
N ASP A 61 8.84 4.36 15.09
CA ASP A 61 8.85 5.82 15.19
C ASP A 61 9.84 6.41 14.18
N CYS A 62 9.30 7.16 13.22
CA CYS A 62 10.12 7.71 12.15
C CYS A 62 11.16 8.66 12.69
N GLN A 63 10.84 9.38 13.77
CA GLN A 63 11.74 10.42 14.27
C GLN A 63 13.01 9.81 14.84
N THR A 64 12.85 8.92 15.82
CA THR A 64 13.97 8.29 16.49
C THR A 64 14.48 7.06 15.77
N GLY A 65 13.66 6.44 14.93
CA GLY A 65 14.03 5.18 14.34
C GLY A 65 13.82 3.97 15.21
N LEU A 66 13.27 4.15 16.42
CA LEU A 66 13.07 3.02 17.31
C LEU A 66 11.94 2.13 16.82
N VAL A 67 12.10 0.82 17.01
CA VAL A 67 11.03 -0.12 16.77
C VAL A 67 10.22 -0.21 18.06
N LEU A 68 9.05 0.45 18.05
CA LEU A 68 8.18 0.49 19.22
C LEU A 68 7.54 -0.84 19.50
N HIS A 69 7.09 -1.53 18.46
CA HIS A 69 6.41 -2.80 18.62
C HIS A 69 6.84 -3.73 17.50
N LYS A 70 6.90 -5.02 17.82
CA LYS A 70 7.16 -6.02 16.80
C LYS A 70 6.26 -7.22 17.04
N TYR A 71 5.71 -7.73 15.96
CA TYR A 71 4.89 -8.93 15.98
C TYR A 71 5.52 -9.91 15.02
N LYS A 72 5.80 -11.12 15.51
CA LYS A 72 6.43 -12.14 14.70
C LYS A 72 5.61 -13.41 14.71
N VAL A 73 5.38 -13.99 13.53
CA VAL A 73 4.65 -15.24 13.44
C VAL A 73 5.49 -16.26 12.68
N PRO A 74 6.04 -17.26 13.35
CA PRO A 74 6.83 -18.28 12.62
C PRO A 74 6.03 -18.91 11.50
N GLY A 75 6.64 -19.00 10.33
CA GLY A 75 6.01 -19.62 9.18
C GLY A 75 5.10 -18.71 8.38
N GLU A 76 4.83 -17.51 8.86
CA GLU A 76 4.07 -16.54 8.08
C GLU A 76 5.02 -15.78 7.16
N GLU A 77 4.47 -15.26 6.07
CA GLU A 77 5.17 -14.22 5.32
C GLU A 77 4.17 -13.09 5.12
N PHE A 78 4.40 -11.98 5.81
CA PHE A 78 3.48 -10.85 5.77
C PHE A 78 3.65 -10.04 4.48
N PHE A 79 2.53 -9.82 3.80
CA PHE A 79 2.53 -9.08 2.54
C PHE A 79 1.83 -7.74 2.64
N SER A 80 1.02 -7.53 3.67
CA SER A 80 0.18 -6.32 3.71
C SER A 80 -0.14 -5.97 5.15
N VAL A 81 -0.17 -4.66 5.42
CA VAL A 81 -0.59 -4.08 6.68
C VAL A 81 -1.50 -2.92 6.35
N ALA A 82 -2.48 -2.66 7.22
CA ALA A 82 -3.37 -1.51 7.10
C ALA A 82 -3.92 -1.21 8.49
N TRP A 83 -4.07 0.08 8.79
CA TRP A 83 -4.63 0.54 10.05
C TRP A 83 -6.12 0.87 9.91
N THR A 84 -6.85 0.80 11.01
CA THR A 84 -8.16 1.43 11.08
C THR A 84 -8.34 2.01 12.47
N ALA A 85 -8.93 3.20 12.53
CA ALA A 85 -9.24 3.85 13.79
C ALA A 85 -10.66 3.43 14.17
N LEU A 86 -10.79 2.69 15.26
CA LEU A 86 -12.08 2.28 15.77
C LEU A 86 -12.47 3.13 16.98
N THR A 87 -13.77 3.28 17.20
CA THR A 87 -14.29 3.92 18.40
C THR A 87 -14.82 2.85 19.33
N VAL A 88 -14.27 2.78 20.54
CA VAL A 88 -14.60 1.74 21.49
C VAL A 88 -15.37 2.35 22.67
N LYS A 96 -13.52 6.70 23.01
CA LYS A 96 -12.11 6.32 22.99
C LYS A 96 -11.70 5.63 21.68
N ARG A 97 -10.55 6.02 21.14
CA ARG A 97 -10.09 5.50 19.85
C ARG A 97 -9.09 4.38 20.06
N TRP A 98 -9.30 3.27 19.36
CA TRP A 98 -8.31 2.20 19.28
C TRP A 98 -7.78 2.14 17.86
N ASN A 99 -6.47 2.31 17.69
CA ASN A 99 -5.85 2.13 16.38
C ASN A 99 -5.47 0.66 16.21
N LEU A 101 -4.27 -2.53 13.89
CA LEU A 101 -3.40 -2.83 12.76
C LEU A 101 -3.75 -4.20 12.24
N ALA A 102 -4.18 -4.28 10.99
CA ALA A 102 -4.44 -5.57 10.35
C ALA A 102 -3.20 -5.98 9.56
N ALA A 103 -2.83 -7.26 9.67
CA ALA A 103 -1.68 -7.77 8.92
C ALA A 103 -2.03 -9.12 8.33
N ALA A 104 -1.54 -9.38 7.11
CA ALA A 104 -1.86 -10.63 6.44
C ALA A 104 -0.80 -10.95 5.40
N GLY A 105 -0.80 -12.20 4.97
CA GLY A 105 0.01 -12.62 3.85
C GLY A 105 -0.19 -14.04 3.42
N LEU A 106 0.93 -14.77 3.40
CA LEU A 106 0.95 -16.10 2.83
C LEU A 106 -0.15 -16.99 3.36
N ARG A 107 -0.39 -16.96 4.65
CA ARG A 107 -1.28 -17.92 5.27
C ARG A 107 -2.76 -17.60 5.08
N GLY A 108 -3.13 -16.49 4.48
CA GLY A 108 -4.52 -16.23 4.19
C GLY A 108 -5.29 -15.75 5.38
N VAL A 110 -6.02 -12.91 8.39
CA VAL A 110 -5.94 -11.53 8.83
C VAL A 110 -5.72 -11.53 10.34
N ARG A 111 -4.61 -10.96 10.78
CA ARG A 111 -4.26 -10.87 12.19
C ARG A 111 -4.48 -9.44 12.65
N LEU A 112 -5.38 -9.26 13.61
CA LEU A 112 -5.81 -7.94 14.05
C LEU A 112 -5.09 -7.61 15.34
N LEU A 113 -4.21 -6.62 15.30
CA LEU A 113 -3.35 -6.29 16.42
C LEU A 113 -3.85 -5.05 17.12
N HIS A 114 -4.10 -5.14 18.42
CA HIS A 114 -4.26 -3.95 19.23
C HIS A 114 -2.85 -3.55 19.63
N VAL A 115 -2.25 -2.62 18.90
CA VAL A 115 -0.82 -2.37 19.04
C VAL A 115 -0.49 -1.81 20.42
N ARG A 116 -1.26 -0.80 20.85
CA ARG A 116 -0.96 -0.14 22.11
C ARG A 116 -1.05 -1.11 23.27
N ALA A 117 -2.03 -2.01 23.25
CA ALA A 117 -2.20 -2.98 24.32
C ALA A 117 -1.21 -4.14 24.22
N GLY A 118 -0.56 -4.31 23.08
CA GLY A 118 0.46 -5.32 22.95
C GLY A 118 0.01 -6.72 22.60
N PHE A 119 -1.12 -6.89 21.94
CA PHE A 119 -1.47 -8.26 21.57
C PHE A 119 -2.33 -8.35 20.34
N CYS A 120 -2.30 -9.53 19.76
CA CYS A 120 -3.17 -9.90 18.65
C CYS A 120 -4.52 -10.23 19.24
N CYS A 121 -5.53 -9.45 18.83
CA CYS A 121 -6.89 -9.61 19.36
C CYS A 121 -7.57 -10.83 18.78
N SER A 122 -7.58 -10.92 17.45
CA SER A 122 -8.35 -11.92 16.75
C SER A 122 -7.68 -12.23 15.43
N VAL A 123 -8.08 -13.36 14.84
CA VAL A 123 -7.56 -13.82 13.56
C VAL A 123 -8.73 -14.26 12.70
N ILE A 124 -8.77 -13.77 11.46
CA ILE A 124 -9.78 -14.13 10.48
C ILE A 124 -9.12 -15.03 9.46
N ARG A 125 -9.61 -16.25 9.30
CA ARG A 125 -9.17 -17.13 8.24
C ARG A 125 -9.96 -16.75 6.98
N ALA A 126 -9.43 -15.74 6.28
CA ALA A 126 -10.21 -15.09 5.23
C ALA A 126 -10.15 -15.86 3.92
N HIS A 127 -9.00 -16.42 3.59
CA HIS A 127 -8.84 -17.13 2.33
C HIS A 127 -8.01 -18.39 2.57
N LYS A 128 -8.11 -19.33 1.64
CA LYS A 128 -7.26 -20.51 1.66
C LYS A 128 -5.97 -20.32 0.89
N LYS A 129 -5.79 -19.19 0.21
CA LYS A 129 -4.56 -18.82 -0.46
C LYS A 129 -4.09 -17.49 0.10
N ALA A 130 -2.86 -17.12 -0.27
CA ALA A 130 -2.27 -15.90 0.26
C ALA A 130 -3.10 -14.65 0.00
N ILE A 131 -3.05 -13.75 0.97
CA ILE A 131 -3.58 -12.41 0.80
C ILE A 131 -2.49 -11.51 0.24
N ALA A 132 -2.75 -10.95 -0.94
CA ALA A 132 -1.82 -10.05 -1.58
C ALA A 132 -1.87 -8.66 -0.96
N THR A 133 -3.06 -8.19 -0.60
CA THR A 133 -3.18 -6.85 -0.04
C THR A 133 -4.49 -6.70 0.70
N LEU A 134 -4.50 -5.74 1.61
CA LEU A 134 -5.62 -5.46 2.50
C LEU A 134 -5.88 -3.98 2.41
N CYS A 135 -7.14 -3.56 2.61
CA CYS A 135 -7.49 -2.14 2.52
C CYS A 135 -8.77 -1.92 3.30
N PHE A 136 -8.76 -0.95 4.22
CA PHE A 136 -9.97 -0.58 4.94
C PHE A 136 -10.76 0.48 4.16
N SER A 137 -12.05 0.49 4.36
CA SER A 137 -12.83 1.62 3.89
C SER A 137 -12.43 2.87 4.68
N PRO A 138 -12.25 4.01 4.00
CA PRO A 138 -11.95 5.24 4.75
C PRO A 138 -13.13 5.77 5.55
N THR A 139 -14.34 5.33 5.23
CA THR A 139 -15.54 5.89 5.85
C THR A 139 -16.28 4.92 6.78
N HIS A 140 -16.16 3.64 6.56
CA HIS A 140 -16.76 2.63 7.45
C HIS A 140 -15.56 1.89 8.01
N GLU A 141 -15.10 2.30 9.18
CA GLU A 141 -13.82 1.85 9.71
C GLU A 141 -13.80 0.37 10.07
N THR A 142 -14.96 -0.31 10.10
CA THR A 142 -14.96 -1.74 10.36
C THR A 142 -14.98 -2.56 9.08
N HIS A 143 -15.03 -1.92 7.93
CA HIS A 143 -15.12 -2.63 6.65
C HIS A 143 -13.73 -2.84 6.09
N LEU A 144 -13.38 -4.11 5.88
CA LEU A 144 -12.04 -4.48 5.45
C LEU A 144 -12.13 -5.30 4.18
N PHE A 145 -11.40 -4.87 3.15
CA PHE A 145 -11.22 -5.65 1.94
C PHE A 145 -9.95 -6.50 2.01
N THR A 146 -10.07 -7.77 1.68
CA THR A 146 -8.94 -8.69 1.56
C THR A 146 -8.88 -9.14 0.10
N ALA A 147 -7.70 -9.06 -0.50
CA ALA A 147 -7.50 -9.46 -1.88
C ALA A 147 -6.53 -10.63 -1.93
N SER A 148 -6.92 -11.69 -2.61
CA SER A 148 -6.21 -12.95 -2.48
C SER A 148 -5.84 -13.57 -3.82
N TYR A 149 -4.81 -14.41 -3.74
CA TYR A 149 -4.43 -15.25 -4.85
C TYR A 149 -5.49 -16.26 -5.23
N ASP A 150 -6.56 -16.41 -4.44
CA ASP A 150 -7.69 -17.20 -4.90
C ASP A 150 -8.56 -16.43 -5.89
N LYS A 151 -8.10 -15.25 -6.31
CA LYS A 151 -8.81 -14.42 -7.30
C LYS A 151 -10.16 -13.95 -6.77
N ARG A 152 -10.22 -13.70 -5.48
CA ARG A 152 -11.33 -13.03 -4.86
C ARG A 152 -10.86 -11.80 -4.09
N ILE A 153 -11.75 -10.82 -4.02
CA ILE A 153 -11.67 -9.73 -3.04
C ILE A 153 -12.88 -9.90 -2.15
N ILE A 154 -12.66 -10.02 -0.84
CA ILE A 154 -13.79 -10.18 0.09
C ILE A 154 -13.88 -8.93 0.93
N LEU A 155 -15.09 -8.43 1.06
CA LEU A 155 -15.40 -7.32 1.95
C LEU A 155 -15.94 -7.88 3.26
N TRP A 156 -15.23 -7.61 4.33
CA TRP A 156 -15.56 -8.07 5.68
C TRP A 156 -16.07 -6.90 6.51
N ASP A 157 -16.91 -7.20 7.48
CA ASP A 157 -17.19 -6.29 8.60
C ASP A 157 -16.54 -6.90 9.84
N ILE A 158 -15.48 -6.27 10.35
CA ILE A 158 -14.80 -6.92 11.47
C ILE A 158 -15.57 -6.70 12.76
N GLY A 159 -16.51 -5.79 12.76
CA GLY A 159 -17.34 -5.57 13.89
C GLY A 159 -16.64 -4.83 14.99
N VAL A 160 -17.36 -4.71 16.11
CA VAL A 160 -16.89 -4.07 17.33
C VAL A 160 -16.22 -5.13 18.18
N PRO A 161 -15.15 -4.82 18.90
CA PRO A 161 -14.58 -5.81 19.81
C PRO A 161 -15.47 -5.97 21.02
N ASN A 162 -15.66 -7.22 21.46
CA ASN A 162 -16.39 -7.44 22.69
C ASN A 162 -15.54 -6.94 23.86
N HIS A 163 -16.07 -7.08 25.08
CA HIS A 163 -15.37 -6.54 26.24
C HIS A 163 -13.96 -7.11 26.35
N ASP A 164 -13.78 -8.37 25.95
CA ASP A 164 -12.47 -9.03 26.02
C ASP A 164 -11.67 -8.89 24.73
N TYR A 165 -11.89 -7.82 23.97
CA TYR A 165 -11.05 -7.49 22.82
C TYR A 165 -11.14 -8.54 21.71
N LYS A 166 -12.25 -9.27 21.63
CA LYS A 166 -12.42 -10.26 20.58
C LYS A 166 -13.32 -9.73 19.48
N PHE A 167 -12.99 -10.03 18.24
CA PHE A 167 -13.76 -9.58 17.09
C PHE A 167 -14.51 -10.75 16.48
N GLN A 168 -15.75 -10.50 16.06
CA GLN A 168 -16.56 -11.47 15.31
C GLN A 168 -16.76 -10.91 13.91
N ALA A 169 -15.96 -11.41 12.95
CA ALA A 169 -15.99 -10.88 11.60
C ALA A 169 -17.04 -11.58 10.76
N SER A 170 -17.70 -10.84 9.88
CA SER A 170 -18.66 -11.40 8.92
C SER A 170 -18.30 -10.94 7.52
N GLN A 171 -18.85 -11.64 6.53
CA GLN A 171 -18.57 -11.39 5.11
C GLN A 171 -19.74 -10.63 4.51
N LEU A 172 -19.45 -9.47 3.94
CA LEU A 172 -20.49 -8.67 3.30
C LEU A 172 -20.62 -8.90 1.80
N LEU A 173 -19.51 -9.17 1.11
CA LEU A 173 -19.50 -9.25 -0.35
C LEU A 173 -18.30 -10.09 -0.77
N THR A 174 -18.46 -10.81 -1.87
CA THR A 174 -17.34 -11.45 -2.55
C THR A 174 -17.25 -10.88 -3.95
N LEU A 175 -16.09 -10.34 -4.30
CA LEU A 175 -15.86 -9.77 -5.62
C LEU A 175 -15.00 -10.76 -6.37
N ASN A 176 -15.46 -11.21 -7.51
CA ASN A 176 -14.75 -12.22 -8.27
C ASN A 176 -13.89 -11.55 -9.34
N CYS A 177 -12.63 -12.00 -9.42
CA CYS A 177 -11.64 -11.41 -10.30
C CYS A 177 -11.26 -12.40 -11.39
N SER A 178 -10.97 -11.89 -12.58
N SER A 178 -10.98 -11.89 -12.59
CA SER A 178 -10.47 -12.72 -13.68
CA SER A 178 -10.47 -12.73 -13.67
C SER A 178 -8.97 -12.96 -13.56
C SER A 178 -8.96 -12.94 -13.57
N SER A 179 -8.27 -12.21 -12.72
CA SER A 179 -6.85 -12.42 -12.49
C SER A 179 -6.55 -12.04 -11.05
N VAL A 180 -5.33 -12.32 -10.59
CA VAL A 180 -5.04 -12.12 -9.17
C VAL A 180 -5.06 -10.63 -8.85
N PRO A 181 -5.77 -10.20 -7.82
CA PRO A 181 -5.76 -8.78 -7.42
C PRO A 181 -4.50 -8.43 -6.64
N LEU A 182 -3.92 -7.29 -6.98
CA LEU A 182 -2.62 -6.87 -6.44
C LEU A 182 -2.70 -5.64 -5.56
N ARG A 183 -3.58 -4.69 -5.92
CA ARG A 183 -3.67 -3.38 -5.33
C ARG A 183 -5.13 -2.98 -5.23
N LEU A 184 -5.54 -2.49 -4.08
CA LEU A 184 -6.90 -2.05 -3.85
C LEU A 184 -6.92 -0.53 -3.73
N CYS A 185 -8.01 0.07 -4.17
CA CYS A 185 -8.14 1.54 -4.15
C CYS A 185 -9.60 1.94 -4.21
N PRO A 186 -10.24 2.23 -3.07
CA PRO A 186 -11.63 2.71 -3.12
C PRO A 186 -11.74 3.98 -3.95
N VAL A 187 -12.85 4.14 -4.67
CA VAL A 187 -13.03 5.35 -5.45
C VAL A 187 -13.17 6.53 -4.50
N ALA A 188 -12.36 7.57 -4.72
CA ALA A 188 -12.18 8.60 -3.69
C ALA A 188 -13.49 9.30 -3.36
N THR A 189 -14.31 9.58 -4.35
CA THR A 189 -15.55 10.33 -4.11
C THR A 189 -16.71 9.44 -3.69
N CYS A 190 -16.54 8.15 -3.70
CA CYS A 190 -17.65 7.28 -3.31
C CYS A 190 -17.09 5.94 -2.86
N PRO A 191 -16.31 5.96 -1.78
CA PRO A 191 -15.47 4.81 -1.43
C PRO A 191 -16.23 3.61 -0.91
N ASP A 192 -17.48 3.79 -0.53
CA ASP A 192 -18.34 2.67 -0.15
C ASP A 192 -19.31 2.32 -1.26
N SER A 193 -19.15 2.90 -2.44
CA SER A 193 -19.96 2.53 -3.59
C SER A 193 -19.18 1.82 -4.68
N PHE A 194 -17.95 2.27 -4.98
CA PHE A 194 -17.14 1.62 -6.01
C PHE A 194 -15.70 1.43 -5.58
N LEU A 195 -15.16 0.28 -5.97
CA LEU A 195 -13.80 -0.10 -5.62
C LEU A 195 -13.00 -0.34 -6.91
N LEU A 196 -11.81 0.24 -6.98
CA LEU A 196 -10.85 -0.07 -8.03
C LEU A 196 -9.86 -1.11 -7.52
N ALA A 197 -9.40 -1.97 -8.42
CA ALA A 197 -8.37 -2.94 -8.08
C ALA A 197 -7.42 -3.10 -9.27
N GLY A 198 -6.12 -3.05 -8.99
CA GLY A 198 -5.11 -3.38 -9.98
C GLY A 198 -4.81 -4.86 -9.84
N CYS A 199 -4.85 -5.57 -10.96
CA CYS A 199 -4.78 -7.02 -10.99
C CYS A 199 -3.73 -7.45 -12.00
N GLU A 200 -3.39 -8.74 -11.98
CA GLU A 200 -2.38 -9.20 -12.91
C GLU A 200 -2.82 -8.98 -14.35
N GLY A 201 -4.12 -8.85 -14.59
CA GLY A 201 -4.61 -8.70 -15.95
C GLY A 201 -5.14 -7.32 -16.29
N GLY A 202 -5.02 -6.39 -15.36
CA GLY A 202 -5.35 -5.02 -15.57
C GLY A 202 -6.14 -4.45 -14.43
N CYS A 203 -6.77 -3.30 -14.69
CA CYS A 203 -7.43 -2.53 -13.64
C CYS A 203 -8.94 -2.62 -13.83
N GLY A 204 -9.65 -2.87 -12.73
CA GLY A 204 -11.10 -3.02 -12.79
C GLY A 204 -11.80 -2.20 -11.72
N CYS A 205 -13.09 -2.03 -11.92
CA CYS A 205 -13.97 -1.36 -10.96
C CYS A 205 -15.10 -2.31 -10.59
N TRP A 206 -15.33 -2.48 -9.29
CA TRP A 206 -16.42 -3.30 -8.80
C TRP A 206 -17.43 -2.47 -8.01
N ASP A 207 -18.71 -2.80 -8.17
CA ASP A 207 -19.81 -2.19 -7.44
C ASP A 207 -19.79 -2.81 -6.05
N VAL A 208 -19.50 -2.01 -5.04
CA VAL A 208 -19.48 -2.54 -3.68
C VAL A 208 -20.62 -2.00 -2.84
N ARG A 209 -21.64 -1.44 -3.46
CA ARG A 209 -22.78 -0.94 -2.70
C ARG A 209 -23.49 -2.11 -2.01
N LEU A 210 -23.78 -1.95 -0.74
CA LEU A 210 -24.42 -3.02 0.00
C LEU A 210 -25.92 -2.98 -0.12
N ASP A 211 -26.48 -1.90 -0.69
CA ASP A 211 -27.92 -1.84 -0.98
C ASP A 211 -28.28 -2.55 -2.28
N GLN A 212 -27.31 -2.97 -3.10
CA GLN A 212 -27.59 -3.91 -4.18
C GLN A 212 -27.63 -5.32 -3.59
N PRO A 213 -28.49 -6.21 -4.11
CA PRO A 213 -28.74 -7.50 -3.44
C PRO A 213 -27.84 -8.68 -3.80
N GLN A 214 -27.08 -8.61 -4.89
CA GLN A 214 -26.17 -9.68 -5.25
C GLN A 214 -24.97 -9.70 -4.31
N LYS A 215 -24.58 -10.90 -3.85
CA LYS A 215 -23.48 -11.04 -2.90
C LYS A 215 -22.16 -11.49 -3.52
N GLN A 216 -22.20 -12.07 -4.71
CA GLN A 216 -21.01 -12.42 -5.47
C GLN A 216 -21.05 -11.58 -6.74
N ARG A 217 -20.00 -10.79 -6.99
CA ARG A 217 -20.06 -9.77 -8.01
C ARG A 217 -18.85 -9.87 -8.92
N VAL A 218 -19.07 -9.94 -10.22
CA VAL A 218 -17.95 -9.80 -11.16
C VAL A 218 -17.66 -8.32 -11.39
N CYS A 219 -16.52 -8.03 -12.02
CA CYS A 219 -16.13 -6.65 -12.31
C CYS A 219 -17.20 -5.94 -13.13
N GLU A 220 -17.52 -4.71 -12.73
N GLU A 220 -17.51 -4.71 -12.74
CA GLU A 220 -18.48 -3.89 -13.47
CA GLU A 220 -18.48 -3.89 -13.47
C GLU A 220 -17.87 -3.29 -14.73
C GLU A 220 -17.88 -3.27 -14.73
N VAL A 221 -16.63 -2.79 -14.63
CA VAL A 221 -15.94 -2.17 -15.74
C VAL A 221 -14.47 -2.56 -15.65
N ASN A 222 -13.95 -3.15 -16.72
CA ASN A 222 -12.52 -3.38 -16.90
C ASN A 222 -11.95 -2.24 -17.74
N PHE A 223 -10.88 -1.63 -17.25
CA PHE A 223 -10.40 -0.42 -17.93
C PHE A 223 -9.30 -0.73 -18.94
N VAL A 224 -9.21 0.14 -19.96
CA VAL A 224 -8.19 0.08 -21.00
C VAL A 224 -7.39 1.37 -20.94
N PHE A 225 -6.06 1.24 -20.96
CA PHE A 225 -5.16 2.38 -20.90
C PHE A 225 -4.43 2.63 -22.21
N SER A 226 -4.29 1.61 -23.04
CA SER A 226 -3.49 1.75 -24.25
C SER A 226 -4.12 0.89 -25.32
N GLY A 227 -4.06 1.38 -26.56
CA GLY A 227 -4.43 0.66 -27.75
C GLY A 227 -3.29 -0.13 -28.33
N ASP A 228 -2.14 -0.15 -27.66
CA ASP A 228 -1.01 -0.96 -28.05
C ASP A 228 -1.28 -2.41 -27.66
N SER A 229 -1.23 -3.33 -28.63
CA SER A 229 -1.34 -4.75 -28.32
C SER A 229 -0.19 -5.26 -27.47
N GLU A 230 0.94 -4.54 -27.44
CA GLU A 230 2.09 -4.90 -26.61
C GLU A 230 1.77 -4.76 -25.12
N VAL A 231 0.81 -3.91 -24.76
CA VAL A 231 0.46 -3.66 -23.37
C VAL A 231 -0.94 -4.13 -23.00
N SER A 232 -1.76 -4.50 -23.98
N SER A 232 -1.76 -4.50 -23.97
CA SER A 232 -3.13 -4.86 -23.65
CA SER A 232 -3.14 -4.85 -23.64
C SER A 232 -3.14 -6.07 -22.71
C SER A 232 -3.15 -6.07 -22.73
N GLY A 233 -4.02 -6.04 -21.72
CA GLY A 233 -4.15 -7.15 -20.83
C GLY A 233 -3.04 -7.30 -19.84
N GLN A 234 -2.21 -6.30 -19.65
CA GLN A 234 -1.07 -6.38 -18.75
C GLN A 234 -1.44 -5.88 -17.35
N ARG A 235 -0.60 -6.26 -16.40
CA ARG A 235 -0.91 -5.97 -15.00
C ARG A 235 -0.95 -4.47 -14.77
N VAL A 236 -1.67 -4.12 -13.70
CA VAL A 236 -1.67 -2.81 -13.10
C VAL A 236 -1.22 -3.04 -11.67
N ASP A 237 -0.01 -2.60 -11.35
CA ASP A 237 0.62 -2.91 -10.08
C ASP A 237 0.81 -1.68 -9.21
N GLY A 238 0.23 -0.55 -9.59
CA GLY A 238 0.25 0.66 -8.79
C GLY A 238 -0.99 1.47 -9.10
N LEU A 239 -1.65 2.01 -8.07
CA LEU A 239 -3.00 2.54 -8.21
C LEU A 239 -3.35 3.35 -6.98
N ALA A 240 -3.63 4.65 -7.17
CA ALA A 240 -3.94 5.54 -6.06
C ALA A 240 -4.54 6.83 -6.63
N PHE A 241 -5.35 7.51 -5.82
CA PHE A 241 -5.89 8.79 -6.23
C PHE A 241 -4.92 9.90 -5.85
N VAL A 242 -4.63 10.77 -6.80
CA VAL A 242 -3.83 11.97 -6.55
C VAL A 242 -4.69 13.08 -5.94
N ASN A 243 -5.93 13.20 -6.39
CA ASN A 243 -6.92 14.03 -5.72
C ASN A 243 -8.26 13.35 -5.86
N GLU A 244 -9.34 14.08 -5.61
CA GLU A 244 -10.64 13.42 -5.52
C GLU A 244 -11.05 12.85 -6.87
N ASP A 245 -10.54 13.40 -7.98
CA ASP A 245 -10.95 12.92 -9.30
C ASP A 245 -9.86 12.16 -10.05
N VAL A 246 -8.59 12.45 -9.81
CA VAL A 246 -7.52 12.00 -10.68
C VAL A 246 -6.89 10.76 -10.10
N VAL A 247 -6.79 9.70 -10.92
CA VAL A 247 -6.18 8.44 -10.54
C VAL A 247 -4.79 8.39 -11.17
N ALA A 248 -3.83 7.89 -10.40
CA ALA A 248 -2.52 7.54 -10.91
C ALA A 248 -2.44 6.02 -10.94
N SER A 249 -2.05 5.46 -12.07
CA SER A 249 -1.96 4.01 -12.14
C SER A 249 -0.84 3.65 -13.10
N LYS A 250 -0.30 2.46 -12.90
CA LYS A 250 0.79 2.00 -13.74
C LYS A 250 0.77 0.49 -13.83
N GLY A 251 1.43 -0.01 -14.88
CA GLY A 251 1.89 -1.39 -14.90
C GLY A 251 3.40 -1.48 -15.03
N SER A 252 3.87 -2.60 -15.55
CA SER A 252 5.29 -2.86 -15.77
C SER A 252 5.60 -2.85 -17.26
N GLY A 253 6.88 -2.56 -17.55
CA GLY A 253 7.38 -2.62 -18.90
C GLY A 253 6.94 -1.51 -19.82
N GLN A 254 6.38 -0.41 -19.28
CA GLN A 254 5.83 0.65 -20.10
C GLN A 254 6.50 1.99 -19.87
N GLY A 255 7.34 2.11 -18.85
CA GLY A 255 8.02 3.36 -18.59
C GLY A 255 7.09 4.52 -18.31
N THR A 256 5.88 4.24 -17.81
CA THR A 256 4.82 5.23 -17.83
C THR A 256 3.90 5.07 -16.63
N ILE A 257 3.53 6.20 -16.03
CA ILE A 257 2.46 6.30 -15.06
C ILE A 257 1.35 7.16 -15.68
N TYR A 258 0.13 6.64 -15.65
CA TYR A 258 -1.03 7.26 -16.25
C TYR A 258 -1.78 8.06 -15.20
N LEU A 259 -2.18 9.27 -15.56
CA LEU A 259 -3.04 10.10 -14.74
C LEU A 259 -4.36 10.21 -15.49
N TRP A 260 -5.45 9.79 -14.87
CA TRP A 260 -6.72 9.78 -15.58
C TRP A 260 -7.85 10.25 -14.68
N SER A 261 -8.95 10.67 -15.31
CA SER A 261 -10.07 11.26 -14.60
C SER A 261 -11.12 10.20 -14.29
N TRP A 262 -11.36 9.99 -13.00
CA TRP A 262 -12.45 9.11 -12.59
C TRP A 262 -13.79 9.57 -13.16
N SER A 263 -14.10 10.86 -12.97
CA SER A 263 -15.42 11.35 -13.32
C SER A 263 -15.65 11.31 -14.83
N GLN A 264 -14.67 11.76 -15.61
CA GLN A 264 -14.88 11.75 -17.05
C GLN A 264 -14.95 10.32 -17.58
N THR A 265 -14.12 9.44 -17.02
CA THR A 265 -14.19 8.04 -17.45
C THR A 265 -15.54 7.45 -17.14
N TRP A 266 -15.97 7.58 -15.89
CA TRP A 266 -17.22 6.95 -15.45
C TRP A 266 -18.40 7.51 -16.19
N ALA A 267 -18.37 8.81 -16.50
CA ALA A 267 -19.45 9.44 -17.27
C ALA A 267 -19.58 8.85 -18.67
N SER A 268 -18.47 8.43 -19.27
CA SER A 268 -18.50 7.87 -20.61
C SER A 268 -19.04 6.45 -20.66
N ARG A 269 -19.35 5.84 -19.52
CA ARG A 269 -19.38 4.39 -19.45
C ARG A 269 -20.59 3.80 -20.17
N GLY A 270 -21.79 4.26 -19.83
CA GLY A 270 -23.00 3.61 -20.31
C GLY A 270 -23.16 2.21 -19.73
N SER A 271 -23.25 1.20 -20.59
CA SER A 271 -23.31 -0.16 -20.10
C SER A 271 -22.08 -0.97 -20.48
N GLN A 272 -21.07 -0.34 -21.11
CA GLN A 272 -19.87 -1.05 -21.54
C GLN A 272 -19.17 -1.67 -20.36
N SER A 273 -18.79 -2.95 -20.48
CA SER A 273 -18.01 -3.64 -19.46
CA SER A 273 -18.02 -3.61 -19.44
C SER A 273 -16.51 -3.48 -19.66
N VAL A 274 -16.08 -3.04 -20.83
CA VAL A 274 -14.67 -2.72 -21.10
C VAL A 274 -14.59 -1.27 -21.56
N LEU A 275 -13.79 -0.47 -20.91
CA LEU A 275 -13.83 0.96 -21.13
C LEU A 275 -12.44 1.62 -21.14
N PRO A 276 -12.09 2.31 -22.24
CA PRO A 276 -10.90 3.16 -22.25
C PRO A 276 -11.04 4.30 -21.25
N VAL A 277 -9.99 4.54 -20.47
CA VAL A 277 -10.02 5.64 -19.51
C VAL A 277 -9.78 6.95 -20.24
N VAL A 278 -10.27 8.04 -19.64
CA VAL A 278 -10.00 9.38 -20.13
C VAL A 278 -8.66 9.78 -19.52
N ILE A 279 -7.61 9.76 -20.33
CA ILE A 279 -6.26 10.08 -19.86
C ILE A 279 -6.07 11.58 -19.78
N LEU A 280 -5.51 12.06 -18.68
CA LEU A 280 -5.22 13.48 -18.53
C LEU A 280 -3.76 13.80 -18.84
N ALA A 281 -2.85 12.95 -18.40
CA ALA A 281 -1.43 13.12 -18.65
C ALA A 281 -0.76 11.78 -18.46
N GLN A 282 0.48 11.69 -18.96
CA GLN A 282 1.34 10.54 -18.80
C GLN A 282 2.69 11.00 -18.27
N LEU A 283 3.19 10.29 -17.29
CA LEU A 283 4.44 10.61 -16.63
C LEU A 283 5.50 9.61 -17.03
N GLN A 284 6.73 10.11 -17.26
CA GLN A 284 7.85 9.20 -17.46
C GLN A 284 8.24 8.57 -16.11
N TRP A 285 8.35 7.25 -16.11
CA TRP A 285 8.85 6.45 -15.00
C TRP A 285 9.97 5.57 -15.54
N SER A 286 10.59 4.78 -14.66
CA SER A 286 11.62 3.87 -15.11
C SER A 286 11.16 2.92 -16.21
N PRO A 287 12.04 2.58 -17.15
CA PRO A 287 11.65 1.66 -18.24
C PRO A 287 11.70 0.19 -17.88
N THR A 288 11.90 -0.16 -16.62
CA THR A 288 12.12 -1.56 -16.26
C THR A 288 10.90 -2.40 -16.61
N SER A 289 11.15 -3.61 -17.05
CA SER A 289 10.10 -4.60 -17.20
C SER A 289 9.79 -5.33 -15.92
N LEU A 290 10.49 -5.03 -14.82
CA LEU A 290 10.23 -5.74 -13.58
C LEU A 290 8.89 -5.33 -13.01
N ALA A 291 8.20 -6.31 -12.45
CA ALA A 291 6.87 -6.09 -11.93
C ALA A 291 6.87 -5.76 -10.45
N TYR A 292 5.78 -5.12 -10.02
CA TYR A 292 5.37 -4.97 -8.62
C TYR A 292 6.09 -3.81 -7.96
N PHE A 293 6.33 -2.76 -8.74
CA PHE A 293 6.67 -1.46 -8.20
C PHE A 293 5.39 -0.67 -8.04
N SER A 294 4.93 -0.52 -6.79
CA SER A 294 3.67 0.18 -6.56
C SER A 294 3.94 1.67 -6.44
N LEU A 295 2.90 2.47 -6.67
CA LEU A 295 3.03 3.91 -6.53
C LEU A 295 2.16 4.35 -5.37
N SER A 296 2.33 5.58 -4.94
CA SER A 296 1.46 6.14 -3.93
C SER A 296 1.34 7.62 -4.20
N THR A 297 0.52 8.29 -3.43
CA THR A 297 0.31 9.72 -3.63
C THR A 297 0.32 10.43 -2.30
N CYS A 298 0.55 11.74 -2.36
CA CYS A 298 0.42 12.63 -1.22
C CYS A 298 -0.50 13.74 -1.72
N PRO A 299 -1.81 13.56 -1.60
CA PRO A 299 -2.73 14.52 -2.25
C PRO A 299 -2.56 15.95 -1.80
N ASP A 300 -2.29 16.17 -0.52
CA ASP A 300 -2.20 17.54 -0.02
C ASP A 300 -1.07 18.30 -0.71
N LYS A 301 -0.05 17.57 -1.17
CA LYS A 301 1.07 18.19 -1.85
C LYS A 301 1.07 17.94 -3.35
N ASN A 302 0.02 17.29 -3.88
CA ASN A 302 -0.13 17.05 -5.31
C ASN A 302 1.00 16.18 -5.85
N LEU A 303 1.38 15.15 -5.08
CA LEU A 303 2.53 14.33 -5.43
C LEU A 303 2.13 12.91 -5.78
N VAL A 304 2.79 12.38 -6.83
CA VAL A 304 2.90 10.95 -7.08
C VAL A 304 4.30 10.49 -6.72
N LEU A 305 4.40 9.32 -6.10
CA LEU A 305 5.65 8.75 -5.62
C LEU A 305 5.77 7.33 -6.16
N CYS A 306 6.92 6.96 -6.68
CA CYS A 306 7.12 5.59 -7.15
C CYS A 306 8.59 5.21 -7.13
N GLY A 307 8.92 4.13 -6.43
CA GLY A 307 10.29 3.64 -6.41
C GLY A 307 10.62 2.90 -7.68
N ASP A 308 11.90 2.54 -7.85
CA ASP A 308 12.29 1.78 -9.03
C ASP A 308 13.34 0.74 -8.68
N GLU A 309 13.84 0.09 -9.75
CA GLU A 309 14.71 -1.08 -9.66
C GLU A 309 16.14 -0.72 -9.31
N GLU A 310 16.49 0.55 -9.32
CA GLU A 310 17.75 1.03 -8.80
C GLU A 310 17.63 1.59 -7.40
N GLY A 311 16.45 1.53 -6.81
CA GLY A 311 16.26 2.06 -5.45
C GLY A 311 16.01 3.55 -5.40
N SER A 312 15.75 4.20 -6.54
CA SER A 312 15.39 5.60 -6.57
C SER A 312 13.92 5.76 -6.22
N VAL A 313 13.56 6.95 -5.77
CA VAL A 313 12.16 7.33 -5.65
C VAL A 313 11.90 8.44 -6.66
N TRP A 314 11.01 8.16 -7.61
CA TRP A 314 10.55 9.18 -8.54
C TRP A 314 9.45 9.97 -7.89
N ILE A 315 9.57 11.29 -7.93
CA ILE A 315 8.61 12.17 -7.32
C ILE A 315 8.08 13.12 -8.38
N TYR A 316 6.76 13.24 -8.48
CA TYR A 316 6.13 14.11 -9.47
C TYR A 316 5.19 15.05 -8.75
N ASP A 317 5.43 16.36 -8.88
CA ASP A 317 4.49 17.38 -8.40
C ASP A 317 3.59 17.74 -9.57
N VAL A 318 2.38 17.18 -9.59
CA VAL A 318 1.54 17.26 -10.78
C VAL A 318 0.55 18.42 -10.74
N GLU A 319 0.76 19.35 -9.82
CA GLU A 319 -0.18 20.46 -9.68
C GLU A 319 -0.31 21.26 -10.98
N HIS A 320 0.80 21.84 -11.45
CA HIS A 320 0.76 22.67 -12.65
C HIS A 320 0.29 21.87 -13.85
N LEU A 321 0.76 20.64 -13.95
CA LEU A 321 0.38 19.74 -15.04
C LEU A 321 -1.12 19.60 -15.15
N LEU A 322 -1.78 19.29 -14.03
CA LEU A 322 -3.22 19.06 -14.03
C LEU A 322 -4.03 20.35 -14.09
N LYS A 323 -3.39 21.51 -13.90
CA LYS A 323 -4.08 22.79 -14.09
C LYS A 323 -4.06 23.23 -15.56
N GLN A 324 -3.01 22.87 -16.30
CA GLN A 324 -2.92 23.13 -17.74
C GLN A 324 -2.46 21.89 -18.49
N THR A 331 2.81 13.84 -24.42
CA THR A 331 4.25 13.62 -24.26
C THR A 331 4.55 13.24 -22.81
N LEU A 332 5.54 12.39 -22.58
CA LEU A 332 5.74 11.90 -21.23
C LEU A 332 6.35 12.99 -20.36
N GLN A 333 5.70 13.28 -19.25
CA GLN A 333 6.16 14.36 -18.37
C GLN A 333 7.23 13.85 -17.40
N PRO A 334 8.27 14.64 -17.16
CA PRO A 334 9.36 14.17 -16.31
C PRO A 334 9.02 14.33 -14.84
N PRO A 335 9.73 13.59 -13.99
CA PRO A 335 9.57 13.77 -12.55
C PRO A 335 10.10 15.13 -12.14
N THR A 336 9.58 15.59 -11.00
CA THR A 336 10.09 16.79 -10.36
C THR A 336 11.45 16.55 -9.71
N GLN A 337 11.68 15.33 -9.24
CA GLN A 337 12.87 14.94 -8.51
C GLN A 337 13.00 13.43 -8.56
N ILE A 338 14.22 12.95 -8.71
CA ILE A 338 14.52 11.52 -8.55
C ILE A 338 15.48 11.41 -7.38
N LEU A 339 15.00 10.82 -6.29
CA LEU A 339 15.74 10.65 -5.04
C LEU A 339 16.54 9.36 -5.14
N LYS A 340 17.83 9.49 -5.37
CA LYS A 340 18.68 8.33 -5.61
C LYS A 340 18.89 7.54 -4.32
N TRP A 341 19.05 6.25 -4.47
CA TRP A 341 19.44 5.41 -3.34
C TRP A 341 20.76 5.90 -2.76
N PRO A 342 20.81 6.28 -1.48
CA PRO A 342 22.05 6.88 -0.97
C PRO A 342 23.12 5.89 -0.55
N GLN A 343 22.95 4.60 -0.80
CA GLN A 343 23.99 3.61 -0.50
C GLN A 343 24.49 3.70 0.94
N PRO A 344 23.59 3.55 1.93
CA PRO A 344 24.03 3.53 3.33
C PRO A 344 24.91 2.32 3.62
N VAL A 345 25.78 2.48 4.61
CA VAL A 345 26.73 1.43 4.97
C VAL A 345 26.08 0.40 5.89
N ALA A 346 26.27 -0.88 5.55
CA ALA A 346 25.86 -1.99 6.41
C ALA A 346 27.04 -2.90 6.60
N LEU A 347 27.31 -3.27 7.86
CA LEU A 347 28.44 -4.13 8.16
C LEU A 347 29.73 -3.53 7.64
N GLY A 348 29.78 -2.20 7.58
CA GLY A 348 30.92 -1.44 7.11
C GLY A 348 31.02 -1.22 5.61
N GLN A 349 30.12 -1.78 4.81
CA GLN A 349 30.20 -1.64 3.36
C GLN A 349 28.98 -0.93 2.79
N PRO A 350 29.16 -0.12 1.74
CA PRO A 350 27.98 0.50 1.13
C PRO A 350 27.04 -0.55 0.56
N VAL A 351 25.74 -0.38 0.83
CA VAL A 351 24.70 -1.12 0.11
C VAL A 351 24.55 -0.44 -1.26
N THR A 352 25.33 -0.89 -2.23
CA THR A 352 25.40 -0.11 -3.46
C THR A 352 24.16 -0.26 -4.31
N LYS A 353 23.46 -1.41 -4.20
CA LYS A 353 22.30 -1.72 -5.03
C LYS A 353 21.13 -2.19 -4.18
N THR A 354 19.94 -1.69 -4.50
CA THR A 354 18.69 -2.20 -3.95
C THR A 354 17.56 -1.81 -4.89
N VAL A 356 13.37 -0.40 -4.59
CA VAL A 356 12.33 0.17 -3.72
C VAL A 356 11.00 -0.12 -4.38
N ASN A 357 10.26 -1.08 -3.86
N ASN A 357 10.27 -1.09 -3.85
CA ASN A 357 9.00 -1.50 -4.45
CA ASN A 357 9.00 -1.53 -4.42
C ASN A 357 7.79 -0.78 -3.87
C ASN A 357 7.81 -0.75 -3.87
N THR A 358 7.94 -0.16 -2.70
CA THR A 358 6.87 0.56 -2.06
C THR A 358 7.41 1.83 -1.43
N VAL A 359 6.68 2.92 -1.59
CA VAL A 359 7.06 4.22 -1.04
C VAL A 359 5.79 4.85 -0.54
N VAL A 360 5.80 5.29 0.72
CA VAL A 360 4.60 5.85 1.35
C VAL A 360 5.01 7.04 2.19
N ALA A 361 4.27 8.16 2.05
CA ALA A 361 4.53 9.34 2.88
C ALA A 361 3.33 9.62 3.77
N ASN A 362 3.56 10.29 4.91
CA ASN A 362 2.39 10.76 5.66
C ASN A 362 1.68 11.87 4.88
N ALA A 363 0.49 12.24 5.33
CA ALA A 363 -0.35 13.12 4.51
C ALA A 363 0.25 14.52 4.39
N ALA A 364 1.00 14.96 5.39
CA ALA A 364 1.66 16.26 5.33
C ALA A 364 2.99 16.24 4.58
N PHE A 365 3.46 15.07 4.19
CA PHE A 365 4.76 14.92 3.53
C PHE A 365 5.89 15.49 4.40
N THR A 366 5.90 15.10 5.69
CA THR A 366 7.02 15.40 6.56
C THR A 366 7.90 14.20 6.81
N TYR A 367 7.37 12.99 6.59
CA TYR A 367 8.11 11.73 6.66
C TYR A 367 7.70 10.92 5.45
N LEU A 368 8.68 10.26 4.85
CA LEU A 368 8.52 9.37 3.71
C LEU A 368 9.25 8.08 4.03
N THR A 369 8.59 6.95 3.75
CA THR A 369 9.16 5.63 3.99
C THR A 369 9.29 4.94 2.65
N ALA A 370 10.46 4.38 2.39
CA ALA A 370 10.73 3.62 1.18
C ALA A 370 11.21 2.26 1.62
N LEU A 371 10.50 1.23 1.22
CA LEU A 371 10.81 -0.15 1.55
C LEU A 371 11.64 -0.79 0.45
N THR A 372 12.61 -1.60 0.83
CA THR A 372 13.51 -2.20 -0.13
C THR A 372 13.32 -3.71 -0.19
N ASP A 373 13.98 -4.32 -1.19
CA ASP A 373 14.18 -5.76 -1.22
C ASP A 373 15.46 -6.18 -0.50
N SER A 374 15.90 -5.36 0.46
CA SER A 374 17.14 -5.61 1.16
C SER A 374 16.98 -5.56 2.67
N ASN A 375 15.79 -5.82 3.18
CA ASN A 375 15.57 -5.77 4.63
C ASN A 375 16.01 -4.43 5.18
N ILE A 376 15.72 -3.36 4.46
CA ILE A 376 15.98 -1.99 4.91
C ILE A 376 14.72 -1.17 4.77
N VAL A 377 14.28 -0.58 5.88
CA VAL A 377 13.25 0.45 5.88
C VAL A 377 13.96 1.79 5.79
N SER A 378 13.80 2.49 4.66
CA SER A 378 14.33 3.85 4.47
C SER A 378 13.37 4.88 5.00
N ILE A 379 13.84 5.78 5.84
CA ILE A 379 12.98 6.83 6.38
C ILE A 379 13.64 8.15 6.06
N TRP A 380 12.93 8.99 5.33
CA TRP A 380 13.34 10.32 4.96
C TRP A 380 12.45 11.36 5.64
N ARG A 381 13.03 12.52 5.93
CA ARG A 381 12.36 13.63 6.56
C ARG A 381 12.41 14.82 5.62
N ARG A 382 11.34 15.61 5.62
CA ARG A 382 11.32 16.83 4.82
C ARG A 382 11.50 18.03 5.74
N VAL B 14 25.31 10.64 5.61
CA VAL B 14 24.32 9.59 5.37
C VAL B 14 24.29 8.53 6.47
N PRO B 15 23.16 8.38 7.16
CA PRO B 15 23.09 7.37 8.24
C PRO B 15 23.50 6.00 7.70
N SER B 16 24.09 5.21 8.56
CA SER B 16 24.35 3.83 8.21
C SER B 16 23.08 3.00 8.44
N VAL B 17 23.14 1.75 8.00
CA VAL B 17 22.06 0.80 8.27
C VAL B 17 22.11 0.38 9.73
N GLN B 18 21.01 0.53 10.44
CA GLN B 18 20.94 0.24 11.86
C GLN B 18 20.24 -1.10 12.04
N PHE B 19 20.95 -2.06 12.63
CA PHE B 19 20.34 -3.37 12.87
C PHE B 19 19.49 -3.24 14.12
N VAL B 20 18.24 -3.72 14.06
CA VAL B 20 17.34 -3.77 15.21
C VAL B 20 16.98 -5.24 15.44
N GLY B 21 17.61 -5.85 16.42
CA GLY B 21 17.30 -7.22 16.78
C GLY B 21 16.10 -7.31 17.68
N ASP B 22 15.69 -8.55 17.93
CA ASP B 22 14.53 -8.78 18.79
C ASP B 22 14.71 -8.18 20.18
N ASP B 23 15.93 -8.14 20.70
CA ASP B 23 16.17 -7.56 22.02
C ASP B 23 16.22 -6.03 22.00
N ASP B 24 16.24 -5.41 20.81
CA ASP B 24 16.27 -3.96 20.67
C ASP B 24 14.87 -3.37 20.46
N VAL B 25 13.90 -4.22 20.13
CA VAL B 25 12.52 -3.79 20.03
C VAL B 25 12.04 -3.36 21.39
N LEU B 26 11.24 -2.30 21.45
CA LEU B 26 10.79 -1.83 22.76
C LEU B 26 9.72 -2.75 23.35
N SER B 27 8.87 -3.32 22.51
CA SER B 27 7.80 -4.18 22.97
C SER B 27 7.46 -5.23 21.91
N HIS B 28 7.22 -6.45 22.37
CA HIS B 28 6.75 -7.50 21.48
C HIS B 28 5.25 -7.65 21.63
N ILE B 29 4.55 -7.69 20.51
CA ILE B 29 3.15 -8.03 20.48
C ILE B 29 3.03 -9.54 20.63
N LEU B 30 2.09 -9.97 21.47
CA LEU B 30 1.87 -11.38 21.75
C LEU B 30 0.49 -11.83 21.33
N ASP B 31 0.34 -13.13 21.11
CA ASP B 31 -0.98 -13.77 21.01
C ASP B 31 -1.60 -13.95 22.40
#